data_4P53
#
_entry.id   4P53
#
_cell.length_a   77.186
_cell.length_b   77.186
_cell.length_c   99.074
_cell.angle_alpha   90.00
_cell.angle_beta   90.00
_cell.angle_gamma   120.00
#
_symmetry.space_group_name_H-M   'P 32 2 1'
#
loop_
_entity.id
_entity.type
_entity.pdbx_description
1 polymer Cyclase
2 non-polymer 'ZINC ION'
3 non-polymer '1,4-DIHYDRONICOTINAMIDE ADENINE DINUCLEOTIDE'
4 non-polymer DI(HYDROXYETHYL)ETHER
5 water water
#
_entity_poly.entity_id   1
_entity_poly.type   'polypeptide(L)'
_entity_poly.pdbx_seq_one_letter_code
;HHHHHHMTMTKQSSLSPGSRLYDYTTQDGAAWRVSALKEVSYDVVVQPRLLDPANPALADALSSGTTPARRLIVIDATVR
SLYGEQLAAYLAGHDVEFHLCVIDAHESAKVMETVFEVVDAMDAFGVPRRHAPVLAMGGGVLTDIVGLAASLYRRATPYV
RIPTTLIGMIDAGIGAKTGVNFREHKNRLGTYHPSSLTLIDPGFLATLDARHLRNGLAEILKVALVKDAELFDLLEGHGA
SLVEQRMQPGEGGTGGAALTVLRRAVQGMLEELQPNLWEHQLRRLVDFGHSFSPSVEMAALPELLHGEAVCIDMALSSVL
AHHRGLLTEAELGRVLDVMRLLHLPVLHPVCTPDLMRAALADTVKHRDGWQHMPLPRGIGDAVFVNDVTQREIEAALLTL
AERDRVPRWRALHGAVDMGV
;
_entity_poly.pdbx_strand_id   A
#
loop_
_chem_comp.id
_chem_comp.type
_chem_comp.name
_chem_comp.formula
NAI non-polymer '1,4-DIHYDRONICOTINAMIDE ADENINE DINUCLEOTIDE' 'C21 H29 N7 O14 P2'
PEG non-polymer DI(HYDROXYETHYL)ETHER 'C4 H10 O3'
ZN non-polymer 'ZINC ION' 'Zn 2'
#
# COMPACT_ATOMS: atom_id res chain seq x y z
N TRP A 32 23.45 -33.53 3.13
CA TRP A 32 22.12 -33.61 2.54
C TRP A 32 21.71 -32.34 1.90
N ARG A 33 20.97 -32.49 0.81
CA ARG A 33 20.09 -31.43 0.35
C ARG A 33 18.63 -31.78 0.65
N VAL A 34 17.95 -30.81 1.25
CA VAL A 34 16.52 -30.84 1.42
C VAL A 34 15.95 -29.89 0.43
N SER A 35 15.03 -30.35 -0.39
CA SER A 35 14.32 -29.41 -1.27
C SER A 35 12.82 -29.64 -1.23
N ALA A 36 12.08 -28.56 -1.03
CA ALA A 36 10.64 -28.60 -0.95
C ALA A 36 10.02 -27.46 -1.76
N LEU A 37 8.82 -27.70 -2.28
CA LEU A 37 8.04 -26.69 -3.01
C LEU A 37 6.86 -26.22 -2.20
N LYS A 38 6.62 -24.91 -2.18
CA LYS A 38 5.41 -24.36 -1.50
C LYS A 38 4.44 -23.62 -2.44
N GLU A 39 3.22 -24.15 -2.55
CA GLU A 39 2.12 -23.52 -3.28
C GLU A 39 1.38 -22.47 -2.46
N VAL A 40 1.68 -21.20 -2.69
CA VAL A 40 0.82 -20.16 -2.13
C VAL A 40 -0.15 -19.64 -3.18
N SER A 41 -1.43 -19.71 -2.86
CA SER A 41 -2.45 -19.07 -3.66
C SER A 41 -3.50 -18.42 -2.78
N TYR A 42 -3.97 -17.26 -3.22
CA TYR A 42 -4.95 -16.49 -2.47
C TYR A 42 -5.86 -15.70 -3.40
N ASP A 43 -6.96 -15.19 -2.84
CA ASP A 43 -8.04 -14.62 -3.62
C ASP A 43 -8.20 -13.14 -3.35
N VAL A 44 -8.41 -12.41 -4.44
CA VAL A 44 -8.67 -11.01 -4.38
C VAL A 44 -9.99 -10.73 -5.09
N VAL A 45 -11.01 -10.43 -4.30
CA VAL A 45 -12.38 -10.38 -4.81
C VAL A 45 -13.03 -9.03 -4.50
N VAL A 46 -13.63 -8.39 -5.51
CA VAL A 46 -14.37 -7.13 -5.32
C VAL A 46 -15.83 -7.41 -4.97
N GLN A 47 -16.26 -6.92 -3.82
CA GLN A 47 -17.54 -7.33 -3.30
C GLN A 47 -18.25 -6.13 -2.74
N PRO A 48 -18.89 -5.33 -3.62
CA PRO A 48 -19.56 -4.11 -3.13
C PRO A 48 -20.61 -4.44 -2.07
N ARG A 49 -21.12 -3.44 -1.38
CA ARG A 49 -22.03 -3.68 -0.27
C ARG A 49 -21.59 -4.89 0.56
N LEU A 50 -20.56 -4.82 1.36
CA LEU A 50 -20.17 -5.99 2.14
C LEU A 50 -20.98 -6.28 3.41
N LEU A 51 -21.42 -5.26 4.11
CA LEU A 51 -22.18 -5.46 5.33
C LEU A 51 -23.69 -5.28 5.13
N ALA A 54 -29.63 -9.49 4.23
CA ALA A 54 -28.92 -9.21 3.00
C ALA A 54 -27.77 -10.21 2.87
N ASN A 55 -27.30 -10.49 1.67
CA ASN A 55 -26.77 -11.84 1.50
C ASN A 55 -25.26 -12.19 1.33
N PRO A 56 -24.44 -11.37 0.61
CA PRO A 56 -23.03 -11.55 0.13
C PRO A 56 -22.01 -12.01 1.17
N ALA A 57 -21.00 -12.77 0.74
CA ALA A 57 -20.13 -13.54 1.64
C ALA A 57 -19.09 -12.86 2.46
N LEU A 58 -19.47 -12.00 3.38
CA LEU A 58 -18.56 -11.87 4.48
C LEU A 58 -18.74 -13.17 5.26
N ALA A 59 -19.99 -13.62 5.32
CA ALA A 59 -20.41 -14.79 6.10
C ALA A 59 -19.59 -16.03 5.79
N ASP A 60 -19.40 -16.34 4.52
CA ASP A 60 -18.71 -17.56 4.15
C ASP A 60 -17.29 -17.32 3.69
N ALA A 61 -16.78 -16.13 3.99
CA ALA A 61 -15.35 -15.89 3.95
C ALA A 61 -14.79 -16.38 5.29
N LEU A 62 -15.69 -16.58 6.24
CA LEU A 62 -15.33 -16.90 7.61
C LEU A 62 -15.43 -18.38 7.92
N SER A 63 -16.51 -18.99 7.43
CA SER A 63 -16.85 -20.36 7.76
C SER A 63 -16.68 -21.27 6.54
N ALA A 69 -19.59 -21.40 14.07
CA ALA A 69 -18.46 -20.53 13.70
C ALA A 69 -18.23 -19.39 14.70
N ARG A 70 -16.98 -19.20 15.11
CA ARG A 70 -16.62 -18.14 16.05
C ARG A 70 -15.29 -17.53 15.62
N ARG A 71 -15.27 -16.22 15.41
CA ARG A 71 -14.11 -15.61 14.76
C ARG A 71 -13.59 -14.37 15.47
N LEU A 72 -12.28 -14.18 15.40
CA LEU A 72 -11.62 -13.02 15.97
C LEU A 72 -11.48 -11.92 14.92
N ILE A 73 -11.93 -10.71 15.25
CA ILE A 73 -11.86 -9.63 14.29
C ILE A 73 -11.03 -8.46 14.80
N VAL A 74 -9.97 -8.15 14.07
CA VAL A 74 -9.11 -7.04 14.47
C VAL A 74 -9.43 -5.84 13.60
N ILE A 75 -9.92 -4.80 14.23
CA ILE A 75 -10.54 -3.71 13.48
C ILE A 75 -9.95 -2.38 13.89
N ASP A 76 -9.69 -1.55 12.89
CA ASP A 76 -9.19 -0.20 13.11
C ASP A 76 -10.20 0.62 13.91
N ALA A 77 -9.75 1.35 14.90
CA ALA A 77 -10.65 2.09 15.81
C ALA A 77 -11.69 2.96 15.09
N THR A 78 -11.25 3.74 14.11
CA THR A 78 -12.14 4.68 13.44
C THR A 78 -13.17 3.92 12.60
N VAL A 79 -12.72 2.83 11.99
CA VAL A 79 -13.62 1.94 11.26
C VAL A 79 -14.67 1.33 12.18
N ARG A 80 -14.24 0.99 13.39
CA ARG A 80 -15.11 0.42 14.40
C ARG A 80 -16.20 1.41 14.73
N SER A 81 -15.82 2.67 14.82
CA SER A 81 -16.76 3.73 15.16
C SER A 81 -17.73 3.96 14.01
N LEU A 82 -17.25 3.76 12.79
CA LEU A 82 -18.01 4.07 11.59
C LEU A 82 -18.83 2.90 11.03
N TYR A 83 -18.26 1.69 11.06
CA TYR A 83 -18.91 0.54 10.45
C TYR A 83 -19.14 -0.59 11.44
N GLY A 84 -19.01 -0.30 12.72
CA GLY A 84 -19.08 -1.32 13.75
C GLY A 84 -20.50 -1.81 13.94
N GLU A 85 -21.43 -0.86 14.07
CA GLU A 85 -22.83 -1.19 14.26
C GLU A 85 -23.34 -2.06 13.11
N GLN A 86 -22.94 -1.74 11.89
CA GLN A 86 -23.40 -2.50 10.73
C GLN A 86 -22.73 -3.87 10.67
N LEU A 87 -21.45 -3.92 10.97
CA LEU A 87 -20.69 -5.18 10.93
C LEU A 87 -21.22 -6.21 11.92
N ALA A 88 -21.51 -5.76 13.13
CA ALA A 88 -22.02 -6.64 14.19
C ALA A 88 -23.44 -7.11 13.88
N ALA A 89 -24.26 -6.21 13.31
CA ALA A 89 -25.59 -6.60 12.86
C ALA A 89 -25.51 -7.70 11.78
N TYR A 90 -24.50 -7.63 10.91
CA TYR A 90 -24.28 -8.64 9.86
C TYR A 90 -24.04 -10.03 10.44
N LEU A 91 -23.04 -10.10 11.29
CA LEU A 91 -22.55 -11.36 11.78
C LEU A 91 -23.52 -12.04 12.75
N ALA A 92 -24.25 -11.26 13.53
CA ALA A 92 -25.27 -11.81 14.42
C ALA A 92 -26.47 -12.37 13.64
N GLY A 93 -26.86 -11.65 12.59
CA GLY A 93 -27.93 -12.11 11.72
C GLY A 93 -27.48 -13.30 10.90
N HIS A 94 -26.20 -13.32 10.54
CA HIS A 94 -25.64 -14.41 9.75
C HIS A 94 -25.02 -15.47 10.65
N ASP A 95 -25.47 -15.51 11.90
CA ASP A 95 -25.06 -16.53 12.87
C ASP A 95 -23.54 -16.75 12.99
N VAL A 96 -22.82 -15.69 13.37
CA VAL A 96 -21.38 -15.75 13.66
C VAL A 96 -21.01 -14.98 14.93
N GLU A 97 -20.47 -15.68 15.93
CA GLU A 97 -20.04 -15.02 17.16
C GLU A 97 -18.61 -14.53 17.04
N PHE A 98 -18.29 -13.46 17.74
CA PHE A 98 -17.05 -12.77 17.50
C PHE A 98 -16.64 -11.91 18.68
N HIS A 99 -15.37 -11.55 18.67
CA HIS A 99 -14.78 -10.63 19.61
C HIS A 99 -14.01 -9.58 18.79
N LEU A 100 -14.27 -8.31 19.04
CA LEU A 100 -13.56 -7.26 18.34
C LEU A 100 -12.28 -6.90 19.08
N CYS A 101 -11.16 -7.05 18.41
CA CYS A 101 -9.90 -6.52 18.92
C CYS A 101 -9.68 -5.17 18.23
N VAL A 102 -9.79 -4.09 19.00
CA VAL A 102 -9.74 -2.77 18.40
C VAL A 102 -8.38 -2.16 18.61
N ILE A 103 -7.77 -1.76 17.50
CA ILE A 103 -6.49 -1.07 17.50
C ILE A 103 -6.66 0.37 17.02
N ASP A 104 -6.12 1.33 17.76
CA ASP A 104 -6.07 2.70 17.24
C ASP A 104 -4.77 2.80 16.42
N ALA A 105 -4.90 2.62 15.11
CA ALA A 105 -3.75 2.39 14.24
C ALA A 105 -3.18 3.68 13.66
N HIS A 106 -1.87 3.88 13.85
CA HIS A 106 -1.15 4.90 13.11
C HIS A 106 0.31 4.54 12.91
N GLU A 107 0.95 5.25 11.98
CA GLU A 107 2.27 4.89 11.49
C GLU A 107 3.34 4.88 12.59
N SER A 108 3.25 5.78 13.57
CA SER A 108 4.24 5.80 14.63
C SER A 108 4.20 4.53 15.48
N ALA A 109 3.02 3.97 15.65
CA ALA A 109 2.85 2.79 16.47
C ALA A 109 2.70 1.56 15.59
N LYS A 110 3.16 1.67 14.34
CA LYS A 110 3.20 0.49 13.50
C LYS A 110 4.50 -0.24 13.85
N VAL A 111 4.53 -0.84 15.04
CA VAL A 111 5.72 -1.47 15.59
C VAL A 111 5.38 -2.83 16.21
N MET A 112 6.41 -3.53 16.66
CA MET A 112 6.25 -4.89 17.18
C MET A 112 5.36 -4.97 18.42
N GLU A 113 5.45 -4.00 19.31
CA GLU A 113 4.58 -3.98 20.50
C GLU A 113 3.08 -4.01 20.13
N THR A 114 2.73 -3.44 18.98
CA THR A 114 1.33 -3.46 18.54
C THR A 114 0.97 -4.86 18.01
N VAL A 115 1.92 -5.47 17.32
CA VAL A 115 1.85 -6.86 16.95
C VAL A 115 1.60 -7.75 18.19
N PHE A 116 2.29 -7.49 19.29
CA PHE A 116 2.08 -8.30 20.50
C PHE A 116 0.67 -8.10 21.07
N GLU A 117 0.11 -6.93 20.85
CA GLU A 117 -1.27 -6.69 21.26
C GLU A 117 -2.21 -7.62 20.50
N VAL A 118 -1.97 -7.79 19.20
CA VAL A 118 -2.80 -8.67 18.39
C VAL A 118 -2.61 -10.15 18.76
N VAL A 119 -1.37 -10.51 19.09
CA VAL A 119 -1.03 -11.86 19.53
C VAL A 119 -1.70 -12.18 20.84
N ASP A 120 -1.76 -11.18 21.73
CA ASP A 120 -2.46 -11.31 22.99
C ASP A 120 -3.92 -11.64 22.78
N ALA A 121 -4.53 -10.93 21.82
CA ALA A 121 -5.92 -11.17 21.49
C ALA A 121 -6.12 -12.57 20.89
N MET A 122 -5.16 -13.05 20.10
CA MET A 122 -5.29 -14.39 19.53
C MET A 122 -5.20 -15.45 20.62
N ASP A 123 -4.30 -15.23 21.58
CA ASP A 123 -4.14 -16.13 22.71
C ASP A 123 -5.40 -16.23 23.55
N ALA A 124 -5.94 -15.07 23.93
CA ALA A 124 -7.09 -15.04 24.84
C ALA A 124 -8.35 -15.55 24.15
N PHE A 125 -8.42 -15.44 22.84
CA PHE A 125 -9.58 -15.89 22.08
C PHE A 125 -9.51 -17.39 21.83
N GLY A 126 -8.28 -17.91 21.82
CA GLY A 126 -8.05 -19.33 21.62
C GLY A 126 -8.08 -19.70 20.16
N VAL A 127 -7.61 -18.79 19.31
CA VAL A 127 -7.53 -19.05 17.88
C VAL A 127 -6.79 -20.36 17.64
N PRO A 128 -7.43 -21.30 16.89
CA PRO A 128 -6.84 -22.60 16.59
C PRO A 128 -5.87 -22.52 15.42
N ARG A 129 -5.13 -23.60 15.20
CA ARG A 129 -4.02 -23.63 14.27
C ARG A 129 -4.38 -23.14 12.88
N ARG A 130 -5.49 -23.61 12.32
CA ARG A 130 -5.83 -23.06 11.00
C ARG A 130 -7.28 -23.08 10.54
N HIS A 131 -8.19 -23.73 11.25
CA HIS A 131 -9.54 -23.83 10.73
C HIS A 131 -10.42 -22.59 11.02
N ALA A 132 -9.86 -21.57 11.66
CA ALA A 132 -10.65 -20.39 12.00
C ALA A 132 -9.86 -19.12 11.75
N PRO A 133 -9.85 -18.66 10.50
CA PRO A 133 -9.06 -17.49 10.11
C PRO A 133 -9.45 -16.24 10.90
N VAL A 134 -8.45 -15.40 11.16
CA VAL A 134 -8.65 -14.13 11.85
C VAL A 134 -9.00 -13.04 10.83
N LEU A 135 -9.90 -12.12 11.17
CA LEU A 135 -10.26 -11.06 10.23
C LEU A 135 -9.56 -9.74 10.53
N ALA A 136 -8.81 -9.20 9.57
CA ALA A 136 -8.27 -7.82 9.72
C ALA A 136 -9.07 -6.82 8.88
N MET A 137 -9.68 -5.84 9.55
CA MET A 137 -10.51 -4.87 8.88
C MET A 137 -10.05 -3.45 9.24
N GLY A 138 -9.33 -2.81 8.34
CA GLY A 138 -8.82 -1.47 8.55
C GLY A 138 -7.97 -1.00 7.39
N GLY A 139 -7.17 0.05 7.60
CA GLY A 139 -6.29 0.54 6.55
C GLY A 139 -5.04 -0.31 6.46
N GLY A 140 -4.05 0.19 5.74
CA GLY A 140 -2.83 -0.55 5.48
C GLY A 140 -1.93 -0.69 6.71
N VAL A 141 -2.05 0.21 7.68
CA VAL A 141 -1.35 0.02 8.96
C VAL A 141 -1.93 -1.16 9.75
N LEU A 142 -3.26 -1.21 9.83
CA LEU A 142 -3.95 -2.29 10.52
C LEU A 142 -3.58 -3.67 9.93
N THR A 143 -3.72 -3.81 8.63
CA THR A 143 -3.65 -5.12 8.01
C THR A 143 -2.20 -5.59 7.88
N ASP A 144 -1.27 -4.64 7.84
CA ASP A 144 0.17 -4.98 7.91
C ASP A 144 0.55 -5.55 9.30
N ILE A 145 0.00 -4.95 10.35
CA ILE A 145 0.22 -5.41 11.73
C ILE A 145 -0.37 -6.81 11.98
N VAL A 146 -1.66 -6.98 11.70
CA VAL A 146 -2.36 -8.26 11.87
C VAL A 146 -1.78 -9.33 10.98
N GLY A 147 -1.37 -8.93 9.78
CA GLY A 147 -0.74 -9.88 8.89
C GLY A 147 0.56 -10.42 9.45
N LEU A 148 1.34 -9.57 10.11
CA LEU A 148 2.61 -10.01 10.66
C LEU A 148 2.36 -10.83 11.95
N ALA A 149 1.38 -10.43 12.76
CA ALA A 149 1.00 -11.23 13.92
C ALA A 149 0.56 -12.63 13.52
N ALA A 150 -0.25 -12.71 12.47
CA ALA A 150 -0.80 -13.96 12.00
C ALA A 150 0.29 -14.85 11.40
N SER A 151 1.22 -14.26 10.67
CA SER A 151 2.35 -14.98 10.11
C SER A 151 3.27 -15.57 11.17
N LEU A 152 3.39 -14.88 12.30
CA LEU A 152 4.24 -15.36 13.40
C LEU A 152 3.53 -16.37 14.31
N TYR A 153 2.23 -16.20 14.46
CA TYR A 153 1.48 -16.98 15.42
C TYR A 153 1.42 -18.47 15.04
N ARG A 154 2.05 -19.28 15.88
CA ARG A 154 2.34 -20.68 15.63
C ARG A 154 3.07 -20.89 14.31
N ARG A 155 3.75 -19.83 13.85
CA ARG A 155 4.56 -19.79 12.61
C ARG A 155 3.77 -19.64 11.32
N ALA A 156 2.44 -19.62 11.41
CA ALA A 156 1.55 -19.22 10.31
C ALA A 156 0.14 -19.48 10.75
N THR A 157 -0.70 -18.46 10.60
CA THR A 157 -2.09 -18.54 10.96
C THR A 157 -2.85 -17.87 9.84
N PRO A 158 -3.88 -18.52 9.29
CA PRO A 158 -4.61 -17.92 8.18
C PRO A 158 -5.34 -16.68 8.65
N TYR A 159 -5.50 -15.71 7.77
CA TYR A 159 -6.38 -14.58 8.08
C TYR A 159 -7.06 -14.12 6.80
N VAL A 160 -8.04 -13.25 6.96
CA VAL A 160 -8.73 -12.62 5.86
C VAL A 160 -8.53 -11.10 5.99
N ARG A 161 -8.39 -10.41 4.85
CA ARG A 161 -8.28 -8.96 4.88
C ARG A 161 -9.49 -8.28 4.28
N ILE A 162 -9.94 -7.23 4.97
CA ILE A 162 -10.96 -6.31 4.47
C ILE A 162 -10.38 -4.88 4.53
N PRO A 163 -9.73 -4.44 3.44
CA PRO A 163 -9.16 -3.09 3.42
C PRO A 163 -10.25 -2.04 3.35
N THR A 164 -10.12 -0.99 4.15
CA THR A 164 -11.14 0.05 4.20
C THR A 164 -10.63 1.39 3.70
N THR A 165 -9.37 1.43 3.29
CA THR A 165 -8.83 2.64 2.69
C THR A 165 -8.45 2.37 1.25
N LEU A 166 -8.15 3.43 0.51
CA LEU A 166 -7.75 3.23 -0.87
C LEU A 166 -6.36 2.59 -0.92
N ILE A 167 -5.43 3.02 -0.06
CA ILE A 167 -4.11 2.39 -0.01
C ILE A 167 -4.26 0.87 0.20
N GLY A 168 -5.20 0.47 1.06
CA GLY A 168 -5.40 -0.94 1.33
C GLY A 168 -5.95 -1.70 0.13
N MET A 169 -6.92 -1.09 -0.56
CA MET A 169 -7.65 -1.79 -1.63
C MET A 169 -6.79 -2.02 -2.88
N ILE A 170 -5.88 -1.10 -3.21
CA ILE A 170 -5.06 -1.32 -4.40
C ILE A 170 -3.57 -1.56 -4.13
N ASP A 171 -3.16 -1.70 -2.87
CA ASP A 171 -1.75 -2.05 -2.64
C ASP A 171 -1.56 -2.89 -1.36
N ALA A 172 -1.76 -2.27 -0.20
CA ALA A 172 -1.40 -2.88 1.08
C ALA A 172 -2.19 -4.15 1.40
N GLY A 173 -3.42 -4.26 0.90
CA GLY A 173 -4.29 -5.38 1.24
C GLY A 173 -4.32 -6.50 0.22
N ILE A 174 -3.53 -6.40 -0.83
CA ILE A 174 -3.65 -7.39 -1.90
C ILE A 174 -2.32 -8.09 -2.19
N GLY A 175 -1.29 -7.70 -1.47
CA GLY A 175 0.03 -8.28 -1.65
C GLY A 175 0.30 -9.43 -0.69
N ALA A 176 1.56 -9.84 -0.63
CA ALA A 176 2.01 -10.85 0.30
C ALA A 176 2.83 -10.23 1.44
N LYS A 177 3.35 -9.03 1.22
CA LYS A 177 4.20 -8.38 2.22
C LYS A 177 3.43 -7.94 3.47
N THR A 178 3.99 -8.24 4.65
CA THR A 178 3.52 -7.63 5.89
C THR A 178 4.70 -7.03 6.60
N GLY A 179 4.47 -6.30 7.68
CA GLY A 179 5.60 -5.79 8.41
C GLY A 179 5.36 -4.59 9.28
N VAL A 180 6.37 -4.29 10.09
CA VAL A 180 6.33 -3.12 10.95
C VAL A 180 7.66 -2.40 10.85
N ASN A 181 7.69 -1.16 11.33
CA ASN A 181 8.90 -0.37 11.42
C ASN A 181 9.73 -0.81 12.60
N PHE A 182 11.05 -0.72 12.45
CA PHE A 182 11.96 -0.98 13.56
C PHE A 182 12.87 0.22 13.71
N ARG A 183 12.78 0.87 14.87
CA ARG A 183 13.39 2.18 15.11
C ARG A 183 13.11 3.14 13.93
N GLU A 184 14.10 3.85 13.43
CA GLU A 184 13.79 4.83 12.40
C GLU A 184 13.73 4.20 11.00
N HIS A 185 13.51 2.89 10.94
CA HIS A 185 13.50 2.21 9.65
C HIS A 185 12.14 1.66 9.23
N LYS A 186 11.68 2.13 8.06
CA LYS A 186 10.40 1.73 7.49
C LYS A 186 10.37 0.22 7.13
N ASN A 187 9.38 -0.49 7.68
CA ASN A 187 9.09 -1.86 7.29
C ASN A 187 10.32 -2.77 7.35
N ARG A 188 11.12 -2.57 8.38
CA ARG A 188 12.38 -3.27 8.53
C ARG A 188 12.16 -4.73 8.95
N LEU A 189 11.00 -5.02 9.56
CA LEU A 189 10.71 -6.36 10.06
C LEU A 189 9.43 -6.85 9.47
N GLY A 190 9.44 -8.01 8.84
CA GLY A 190 8.18 -8.53 8.34
C GLY A 190 8.24 -9.89 7.67
N THR A 191 7.18 -10.25 6.92
CA THR A 191 7.15 -11.56 6.27
C THR A 191 6.41 -11.48 4.99
N TYR A 192 6.48 -12.56 4.20
CA TYR A 192 5.60 -12.75 3.07
C TYR A 192 4.48 -13.69 3.50
N HIS A 193 3.31 -13.12 3.77
CA HIS A 193 2.17 -13.88 4.26
C HIS A 193 0.87 -13.26 3.78
N PRO A 194 0.45 -13.61 2.56
CA PRO A 194 -0.82 -13.06 2.07
C PRO A 194 -2.00 -13.64 2.86
N SER A 195 -3.08 -12.87 2.96
CA SER A 195 -4.32 -13.41 3.49
C SER A 195 -4.81 -14.39 2.44
N SER A 196 -5.60 -15.37 2.85
CA SER A 196 -6.12 -16.34 1.90
C SER A 196 -7.27 -15.72 1.11
N LEU A 197 -7.81 -14.61 1.62
CA LEU A 197 -8.83 -13.88 0.90
C LEU A 197 -8.77 -12.40 1.19
N THR A 198 -8.88 -11.60 0.14
CA THR A 198 -9.11 -10.18 0.34
C THR A 198 -10.45 -9.82 -0.28
N LEU A 199 -11.25 -9.10 0.50
CA LEU A 199 -12.55 -8.63 0.07
C LEU A 199 -12.54 -7.10 -0.04
N ILE A 200 -12.71 -6.58 -1.26
CA ILE A 200 -12.67 -5.15 -1.49
C ILE A 200 -14.08 -4.60 -1.74
N ASP A 201 -14.53 -3.74 -0.83
CA ASP A 201 -15.80 -3.04 -0.98
C ASP A 201 -15.52 -1.56 -1.03
N PRO A 202 -15.56 -0.98 -2.24
CA PRO A 202 -15.32 0.46 -2.50
C PRO A 202 -16.28 1.36 -1.73
N GLY A 203 -17.35 0.80 -1.18
CA GLY A 203 -18.28 1.56 -0.36
C GLY A 203 -17.61 2.19 0.85
N PHE A 204 -16.60 1.52 1.38
CA PHE A 204 -15.81 2.03 2.53
C PHE A 204 -15.10 3.34 2.21
N LEU A 205 -14.77 3.56 0.94
CA LEU A 205 -14.03 4.77 0.55
C LEU A 205 -14.89 6.02 0.71
N ALA A 206 -16.20 5.84 0.75
CA ALA A 206 -17.15 6.94 0.89
C ALA A 206 -16.89 7.80 2.13
N THR A 207 -16.41 7.17 3.21
CA THR A 207 -16.16 7.90 4.45
C THR A 207 -14.74 8.41 4.60
N LEU A 208 -13.86 8.20 3.62
CA LEU A 208 -12.54 8.83 3.70
C LEU A 208 -12.63 10.32 3.46
N ASP A 209 -11.65 11.06 3.98
CA ASP A 209 -11.60 12.47 3.71
C ASP A 209 -10.78 12.67 2.45
N ALA A 210 -10.80 13.87 1.90
CA ALA A 210 -10.15 14.12 0.62
C ALA A 210 -8.67 13.73 0.68
N ARG A 211 -8.00 14.10 1.77
CA ARG A 211 -6.56 13.82 1.90
C ARG A 211 -6.24 12.33 1.75
N HIS A 212 -6.95 11.45 2.45
CA HIS A 212 -6.66 10.02 2.33
C HIS A 212 -7.11 9.41 1.02
N LEU A 213 -8.13 9.97 0.37
CA LEU A 213 -8.51 9.50 -0.95
C LEU A 213 -7.37 9.79 -1.93
N ARG A 214 -6.84 11.00 -1.89
CA ARG A 214 -5.74 11.39 -2.77
C ARG A 214 -4.51 10.56 -2.52
N ASN A 215 -4.34 10.20 -1.25
CA ASN A 215 -3.17 9.49 -0.75
C ASN A 215 -3.09 8.15 -1.45
N GLY A 216 -4.24 7.48 -1.57
CA GLY A 216 -4.35 6.19 -2.23
C GLY A 216 -4.29 6.34 -3.74
N LEU A 217 -4.81 7.45 -4.26
CA LEU A 217 -4.62 7.78 -5.67
C LEU A 217 -3.13 7.88 -6.05
N ALA A 218 -2.28 8.28 -5.10
CA ALA A 218 -0.83 8.27 -5.36
C ALA A 218 -0.29 6.90 -5.75
N GLU A 219 -0.80 5.84 -5.12
CA GLU A 219 -0.26 4.50 -5.41
C GLU A 219 -0.81 3.98 -6.72
N ILE A 220 -1.99 4.46 -7.09
CA ILE A 220 -2.53 4.15 -8.40
C ILE A 220 -1.70 4.85 -9.47
N LEU A 221 -1.27 6.08 -9.20
CA LEU A 221 -0.51 6.87 -10.19
C LEU A 221 0.83 6.18 -10.44
N LYS A 222 1.34 5.55 -9.39
CA LYS A 222 2.62 4.86 -9.48
C LYS A 222 2.53 3.78 -10.54
N VAL A 223 1.50 2.96 -10.44
CA VAL A 223 1.23 1.88 -11.38
C VAL A 223 1.09 2.41 -12.80
N ALA A 224 0.31 3.48 -12.96
CA ALA A 224 0.07 4.12 -14.24
C ALA A 224 1.34 4.67 -14.88
N LEU A 225 2.16 5.39 -14.10
CA LEU A 225 3.36 6.03 -14.67
C LEU A 225 4.36 5.04 -15.25
N VAL A 226 4.44 3.83 -14.71
CA VAL A 226 5.46 2.90 -15.22
C VAL A 226 4.88 1.69 -15.96
N LYS A 227 3.56 1.54 -15.96
CA LYS A 227 2.96 0.33 -16.50
C LYS A 227 1.76 0.57 -17.40
N ASP A 228 1.02 1.66 -17.18
CA ASP A 228 -0.33 1.78 -17.74
C ASP A 228 -0.73 3.18 -18.18
N ALA A 229 -0.46 3.51 -19.44
CA ALA A 229 -0.75 4.85 -19.94
C ALA A 229 -2.24 5.17 -19.91
N GLU A 230 -3.07 4.17 -20.15
CA GLU A 230 -4.51 4.38 -20.12
C GLU A 230 -4.99 4.73 -18.71
N LEU A 231 -4.45 4.01 -17.70
CA LEU A 231 -4.70 4.33 -16.29
C LEU A 231 -4.29 5.75 -15.95
N PHE A 232 -3.11 6.17 -16.41
CA PHE A 232 -2.66 7.56 -16.23
C PHE A 232 -3.68 8.52 -16.84
N ASP A 233 -4.18 8.18 -18.03
CA ASP A 233 -5.16 9.01 -18.70
C ASP A 233 -6.46 9.14 -17.91
N LEU A 234 -6.92 8.02 -17.35
CA LEU A 234 -8.11 8.02 -16.51
C LEU A 234 -8.00 8.96 -15.31
N LEU A 235 -6.81 8.99 -14.71
CA LEU A 235 -6.54 9.85 -13.56
C LEU A 235 -6.51 11.31 -13.94
N GLU A 236 -5.75 11.65 -14.97
CA GLU A 236 -5.73 13.02 -15.49
C GLU A 236 -7.14 13.48 -15.85
N GLY A 237 -7.89 12.63 -16.54
CA GLY A 237 -9.23 12.97 -16.97
C GLY A 237 -10.32 13.01 -15.91
N HIS A 238 -10.13 12.26 -14.82
CA HIS A 238 -11.19 12.07 -13.82
C HIS A 238 -10.73 12.31 -12.39
N GLY A 239 -9.44 12.53 -12.21
CA GLY A 239 -8.84 12.54 -10.88
C GLY A 239 -9.54 13.42 -9.87
N ALA A 240 -9.83 14.66 -10.28
CA ALA A 240 -10.55 15.57 -9.43
C ALA A 240 -11.90 15.01 -9.00
N SER A 241 -12.71 14.58 -9.96
CA SER A 241 -14.04 14.03 -9.65
C SER A 241 -13.98 12.81 -8.73
N LEU A 242 -12.93 12.00 -8.90
CA LEU A 242 -12.82 10.77 -8.15
C LEU A 242 -12.52 11.10 -6.70
N VAL A 243 -11.71 12.13 -6.48
CA VAL A 243 -11.48 12.61 -5.13
C VAL A 243 -12.77 13.21 -4.55
N GLU A 244 -13.46 14.01 -5.37
CA GLU A 244 -14.69 14.67 -4.94
C GLU A 244 -15.79 13.67 -4.63
N GLN A 245 -15.81 12.57 -5.37
CA GLN A 245 -16.87 11.59 -5.19
C GLN A 245 -16.40 10.42 -4.35
N ARG A 246 -15.18 10.53 -3.83
CA ARG A 246 -14.59 9.45 -3.05
C ARG A 246 -14.73 8.10 -3.75
N MET A 247 -14.49 8.10 -5.07
CA MET A 247 -14.51 6.86 -5.86
C MET A 247 -15.85 6.12 -5.80
N GLN A 248 -16.92 6.83 -5.46
CA GLN A 248 -18.25 6.25 -5.51
C GLN A 248 -18.83 6.40 -6.93
N PRO A 249 -19.51 5.35 -7.44
CA PRO A 249 -20.18 5.35 -8.75
C PRO A 249 -21.49 6.14 -8.76
N GLY A 256 -18.80 5.23 -13.89
CA GLY A 256 -18.15 3.92 -13.82
C GLY A 256 -16.66 3.98 -14.04
N ALA A 257 -16.11 5.20 -13.98
CA ALA A 257 -14.67 5.41 -14.15
C ALA A 257 -13.88 4.95 -12.92
N ALA A 258 -14.41 5.24 -11.74
CA ALA A 258 -13.77 4.85 -10.50
C ALA A 258 -13.60 3.34 -10.45
N LEU A 259 -14.57 2.63 -11.01
CA LEU A 259 -14.55 1.18 -11.05
C LEU A 259 -13.45 0.67 -11.96
N THR A 260 -13.28 1.36 -13.09
CA THR A 260 -12.25 1.02 -14.08
C THR A 260 -10.88 1.29 -13.48
N VAL A 261 -10.77 2.44 -12.83
CA VAL A 261 -9.53 2.84 -12.21
C VAL A 261 -9.07 1.83 -11.13
N LEU A 262 -10.01 1.40 -10.29
CA LEU A 262 -9.66 0.45 -9.23
C LEU A 262 -9.27 -0.92 -9.83
N ARG A 263 -9.97 -1.31 -10.89
CA ARG A 263 -9.74 -2.62 -11.50
C ARG A 263 -8.36 -2.72 -12.15
N ARG A 264 -7.95 -1.67 -12.87
CA ARG A 264 -6.64 -1.64 -13.54
C ARG A 264 -5.49 -1.52 -12.56
N ALA A 265 -5.71 -0.81 -11.45
CA ALA A 265 -4.71 -0.63 -10.41
C ALA A 265 -4.37 -1.99 -9.82
N VAL A 266 -5.40 -2.69 -9.37
CA VAL A 266 -5.26 -4.02 -8.81
C VAL A 266 -4.61 -5.02 -9.79
N GLN A 267 -5.18 -5.11 -10.98
CA GLN A 267 -4.63 -5.88 -12.10
C GLN A 267 -3.17 -5.52 -12.40
N GLY A 268 -2.83 -4.24 -12.31
CA GLY A 268 -1.47 -3.80 -12.54
C GLY A 268 -0.54 -4.29 -11.43
N MET A 269 -0.94 -4.05 -10.19
CA MET A 269 -0.14 -4.51 -9.06
C MET A 269 0.04 -6.04 -9.05
N LEU A 270 -1.02 -6.77 -9.37
CA LEU A 270 -0.95 -8.23 -9.22
C LEU A 270 -0.10 -8.89 -10.28
N GLU A 271 -0.09 -8.32 -11.49
CA GLU A 271 0.75 -8.81 -12.58
C GLU A 271 2.22 -8.71 -12.20
N GLU A 272 2.51 -7.83 -11.25
CA GLU A 272 3.85 -7.52 -10.85
C GLU A 272 4.25 -8.38 -9.69
N LEU A 273 3.29 -8.68 -8.82
CA LEU A 273 3.57 -9.42 -7.59
C LEU A 273 3.54 -10.93 -7.81
N GLN A 274 2.57 -11.40 -8.57
CA GLN A 274 2.34 -12.84 -8.71
C GLN A 274 3.56 -13.64 -9.17
N PRO A 275 4.34 -13.14 -10.15
CA PRO A 275 5.47 -13.98 -10.57
C PRO A 275 6.77 -13.75 -9.79
N ASN A 276 6.69 -12.92 -8.76
CA ASN A 276 7.87 -12.50 -8.02
C ASN A 276 7.44 -12.23 -6.58
N LEU A 277 6.63 -13.14 -6.04
CA LEU A 277 5.92 -12.88 -4.81
C LEU A 277 6.80 -12.78 -3.59
N TRP A 278 7.99 -13.40 -3.66
CA TRP A 278 8.97 -13.31 -2.57
C TRP A 278 10.18 -12.46 -2.96
N GLU A 279 10.02 -11.67 -4.02
CA GLU A 279 11.07 -10.78 -4.50
C GLU A 279 12.46 -11.42 -4.66
N HIS A 280 12.50 -12.55 -5.33
CA HIS A 280 13.78 -13.14 -5.73
C HIS A 280 14.41 -12.27 -6.80
N GLN A 281 13.58 -11.70 -7.66
CA GLN A 281 14.04 -10.71 -8.62
C GLN A 281 13.98 -9.34 -7.99
N LEU A 282 15.11 -8.65 -7.89
CA LEU A 282 15.11 -7.40 -7.12
C LEU A 282 14.89 -6.13 -7.96
N ARG A 283 14.80 -6.28 -9.28
CA ARG A 283 14.33 -5.19 -10.15
C ARG A 283 12.82 -5.23 -10.18
N ARG A 284 12.19 -4.25 -9.54
CA ARG A 284 10.75 -4.28 -9.40
C ARG A 284 10.12 -2.98 -9.86
N LEU A 285 9.24 -3.06 -10.84
CA LEU A 285 8.53 -1.87 -11.32
C LEU A 285 7.81 -1.17 -10.18
N VAL A 286 7.23 -1.97 -9.32
CA VAL A 286 6.47 -1.49 -8.18
C VAL A 286 7.36 -0.78 -7.11
N ASP A 287 8.67 -0.87 -7.28
CA ASP A 287 9.60 -0.12 -6.42
C ASP A 287 9.65 1.35 -6.81
N PHE A 288 9.07 1.69 -7.96
CA PHE A 288 8.95 3.11 -8.36
C PHE A 288 8.29 3.85 -7.23
N GLY A 289 8.85 5.00 -6.90
CA GLY A 289 8.34 5.80 -5.81
C GLY A 289 8.68 5.26 -4.43
N HIS A 290 9.56 4.27 -4.35
CA HIS A 290 9.89 3.69 -3.04
C HIS A 290 11.39 3.58 -2.83
N SER A 291 12.13 4.54 -3.35
CA SER A 291 13.58 4.50 -3.30
C SER A 291 14.07 5.52 -2.30
N PHE A 292 13.35 6.64 -2.23
CA PHE A 292 13.64 7.73 -1.33
C PHE A 292 12.58 7.84 -0.25
N SER A 293 11.33 7.56 -0.63
CA SER A 293 10.19 7.78 0.29
C SER A 293 10.25 7.09 1.66
N PRO A 294 10.89 5.89 1.78
CA PRO A 294 10.86 5.31 3.14
C PRO A 294 11.54 6.18 4.16
N SER A 295 12.72 6.71 3.83
CA SER A 295 13.47 7.55 4.74
C SER A 295 12.78 8.90 4.89
N VAL A 296 12.17 9.39 3.80
CA VAL A 296 11.46 10.65 3.84
C VAL A 296 10.21 10.54 4.71
N GLU A 297 9.46 9.45 4.56
CA GLU A 297 8.26 9.26 5.34
C GLU A 297 8.57 9.23 6.84
N MET A 298 9.63 8.50 7.19
CA MET A 298 10.05 8.35 8.57
C MET A 298 10.59 9.63 9.17
N ALA A 299 11.31 10.41 8.39
CA ALA A 299 11.90 11.64 8.88
C ALA A 299 10.88 12.76 9.05
N ALA A 300 9.74 12.65 8.39
CA ALA A 300 8.76 13.73 8.46
C ALA A 300 7.62 13.37 9.40
N LEU A 301 7.63 12.15 9.96
CA LEU A 301 6.55 11.66 10.82
C LEU A 301 6.18 12.72 11.87
N PRO A 302 4.89 13.06 11.96
CA PRO A 302 3.82 12.39 11.20
C PRO A 302 3.25 13.23 10.07
N GLU A 303 4.08 14.06 9.45
CA GLU A 303 3.55 15.07 8.54
C GLU A 303 3.12 14.52 7.19
N LEU A 304 3.74 13.44 6.75
CA LEU A 304 3.43 12.89 5.44
C LEU A 304 2.81 11.51 5.54
N LEU A 305 1.73 11.30 4.80
CA LEU A 305 1.13 10.00 4.67
C LEU A 305 1.97 9.21 3.71
N HIS A 306 1.77 7.91 3.70
CA HIS A 306 2.63 7.06 2.87
C HIS A 306 2.62 7.44 1.36
N GLY A 307 1.43 7.67 0.80
CA GLY A 307 1.29 7.96 -0.62
C GLY A 307 1.82 9.34 -0.96
N GLU A 308 1.78 10.25 0.00
CA GLU A 308 2.32 11.57 -0.21
C GLU A 308 3.83 11.47 -0.29
N ALA A 309 4.41 10.68 0.61
CA ALA A 309 5.86 10.48 0.55
C ALA A 309 6.21 9.80 -0.76
N VAL A 310 5.38 8.83 -1.16
CA VAL A 310 5.61 8.12 -2.41
C VAL A 310 5.63 9.11 -3.57
N CYS A 311 4.72 10.08 -3.53
CA CYS A 311 4.59 11.03 -4.62
C CYS A 311 5.81 11.96 -4.72
N ILE A 312 6.38 12.32 -3.57
CA ILE A 312 7.59 13.13 -3.60
C ILE A 312 8.69 12.38 -4.37
N ASP A 313 8.83 11.09 -4.07
CA ASP A 313 9.77 10.18 -4.73
C ASP A 313 9.46 10.07 -6.24
N MET A 314 8.20 9.88 -6.61
CA MET A 314 7.77 9.86 -8.02
C MET A 314 8.04 11.18 -8.75
N ALA A 315 7.84 12.30 -8.08
CA ALA A 315 8.06 13.60 -8.70
C ALA A 315 9.58 13.84 -8.89
N LEU A 316 10.36 13.57 -7.85
CA LEU A 316 11.81 13.56 -7.98
C LEU A 316 12.28 12.65 -9.13
N SER A 317 11.79 11.42 -9.18
CA SER A 317 12.25 10.44 -10.17
C SER A 317 11.85 10.84 -11.61
N SER A 318 10.70 11.48 -11.73
CA SER A 318 10.22 11.93 -13.02
C SER A 318 11.07 13.09 -13.50
N VAL A 319 11.48 13.94 -12.57
CA VAL A 319 12.37 15.02 -12.95
C VAL A 319 13.71 14.43 -13.35
N LEU A 320 14.20 13.48 -12.57
CA LEU A 320 15.42 12.74 -12.93
C LEU A 320 15.31 12.21 -14.35
N ALA A 321 14.23 11.48 -14.64
CA ALA A 321 14.04 10.91 -15.96
C ALA A 321 14.09 12.01 -17.04
N HIS A 322 13.43 13.14 -16.78
CA HIS A 322 13.42 14.26 -17.72
C HIS A 322 14.81 14.79 -18.01
N HIS A 323 15.56 15.09 -16.95
CA HIS A 323 16.92 15.59 -17.09
C HIS A 323 17.78 14.64 -17.90
N ARG A 324 17.36 13.36 -17.95
CA ARG A 324 18.06 12.31 -18.70
C ARG A 324 17.59 12.13 -20.13
N GLY A 325 16.45 12.71 -20.48
CA GLY A 325 15.93 12.57 -21.83
C GLY A 325 14.93 11.44 -21.96
N LEU A 326 14.62 10.79 -20.85
CA LEU A 326 13.67 9.67 -20.84
C LEU A 326 12.23 10.17 -20.82
N LEU A 327 12.08 11.42 -20.39
CA LEU A 327 10.79 12.09 -20.40
C LEU A 327 10.95 13.42 -21.12
N THR A 328 9.99 13.75 -21.99
CA THR A 328 9.96 15.09 -22.59
C THR A 328 9.49 16.13 -21.58
N GLU A 329 9.70 17.39 -21.93
CA GLU A 329 9.23 18.53 -21.15
C GLU A 329 7.71 18.49 -21.02
N ALA A 330 7.07 18.11 -22.13
CA ALA A 330 5.63 17.97 -22.20
C ALA A 330 5.12 16.87 -21.26
N GLU A 331 5.74 15.69 -21.31
CA GLU A 331 5.36 14.58 -20.44
C GLU A 331 5.59 14.87 -18.96
N LEU A 332 6.77 15.39 -18.63
CA LEU A 332 7.07 15.85 -17.29
C LEU A 332 5.94 16.79 -16.83
N GLY A 333 5.61 17.75 -17.68
CA GLY A 333 4.50 18.66 -17.44
C GLY A 333 3.18 17.94 -17.17
N ARG A 334 2.89 16.89 -17.94
CA ARG A 334 1.68 16.10 -17.72
C ARG A 334 1.68 15.43 -16.34
N VAL A 335 2.80 14.83 -15.95
CA VAL A 335 2.89 14.16 -14.66
C VAL A 335 2.71 15.14 -13.49
N LEU A 336 3.48 16.21 -13.46
CA LEU A 336 3.39 17.15 -12.33
C LEU A 336 2.04 17.88 -12.21
N ASP A 337 1.28 17.92 -13.29
CA ASP A 337 -0.04 18.55 -13.28
C ASP A 337 -1.10 17.63 -12.70
N VAL A 338 -1.02 16.34 -13.00
CA VAL A 338 -1.86 15.36 -12.32
C VAL A 338 -1.55 15.44 -10.83
N MET A 339 -0.28 15.62 -10.47
CA MET A 339 0.07 15.60 -9.05
C MET A 339 -0.52 16.81 -8.33
N ARG A 340 -0.44 17.99 -8.95
CA ARG A 340 -0.98 19.19 -8.32
C ARG A 340 -2.49 19.14 -8.29
N LEU A 341 -3.08 18.56 -9.33
CA LEU A 341 -4.53 18.37 -9.41
C LEU A 341 -5.05 17.43 -8.32
N LEU A 342 -4.26 16.44 -7.95
CA LEU A 342 -4.62 15.54 -6.88
C LEU A 342 -4.19 16.09 -5.53
N HIS A 343 -3.81 17.36 -5.52
CA HIS A 343 -3.28 18.05 -4.34
C HIS A 343 -2.22 17.23 -3.59
N LEU A 344 -1.34 16.58 -4.35
CA LEU A 344 -0.27 15.79 -3.78
C LEU A 344 1.05 16.56 -3.84
N PRO A 345 1.84 16.47 -2.76
CA PRO A 345 3.08 17.25 -2.65
C PRO A 345 4.16 16.72 -3.55
N VAL A 346 5.02 17.61 -4.07
CA VAL A 346 6.15 17.18 -4.86
C VAL A 346 7.42 17.33 -4.04
N LEU A 347 7.31 18.00 -2.90
CA LEU A 347 8.48 18.27 -2.08
C LEU A 347 8.15 18.43 -0.59
N HIS A 348 9.17 18.38 0.27
CA HIS A 348 9.03 18.54 1.71
C HIS A 348 10.38 19.00 2.28
N PRO A 349 10.36 19.78 3.38
CA PRO A 349 11.60 20.31 3.96
C PRO A 349 12.52 19.23 4.52
N VAL A 350 11.94 18.08 4.86
CA VAL A 350 12.72 16.93 5.24
C VAL A 350 13.69 16.56 4.10
N CYS A 351 13.38 16.99 2.88
CA CYS A 351 14.05 16.48 1.69
C CYS A 351 15.27 17.27 1.28
N THR A 352 16.31 17.19 2.11
CA THR A 352 17.58 17.84 1.85
C THR A 352 18.50 16.92 1.07
N PRO A 353 19.51 17.49 0.40
CA PRO A 353 20.47 16.65 -0.32
C PRO A 353 21.03 15.50 0.52
N ASP A 354 21.36 15.76 1.78
CA ASP A 354 21.92 14.73 2.65
C ASP A 354 20.92 13.62 2.97
N LEU A 355 19.67 14.00 3.22
CA LEU A 355 18.66 12.97 3.48
C LEU A 355 18.43 12.14 2.23
N MET A 356 18.32 12.81 1.09
CA MET A 356 18.13 12.12 -0.19
C MET A 356 19.29 11.16 -0.43
N ARG A 357 20.51 11.58 -0.09
CA ARG A 357 21.67 10.69 -0.19
C ARG A 357 21.52 9.48 0.71
N ALA A 358 21.37 9.72 2.01
CA ALA A 358 21.15 8.66 2.99
C ALA A 358 20.01 7.75 2.60
N ALA A 359 18.94 8.36 2.07
CA ALA A 359 17.77 7.59 1.67
C ALA A 359 18.13 6.61 0.56
N LEU A 360 18.86 7.10 -0.44
CA LEU A 360 19.32 6.24 -1.55
C LEU A 360 20.22 5.11 -1.06
N ALA A 361 21.14 5.45 -0.15
CA ALA A 361 22.11 4.47 0.35
C ALA A 361 21.44 3.31 1.12
N ASP A 362 20.43 3.63 1.89
CA ASP A 362 19.67 2.61 2.61
C ASP A 362 19.00 1.67 1.62
N THR A 363 18.62 2.22 0.46
CA THR A 363 17.93 1.46 -0.54
C THR A 363 18.88 0.57 -1.34
N VAL A 364 20.07 1.07 -1.64
CA VAL A 364 21.05 0.23 -2.30
C VAL A 364 21.36 -1.03 -1.46
N LYS A 365 21.43 -0.91 -0.14
CA LYS A 365 21.60 -2.10 0.69
C LYS A 365 20.37 -3.01 0.59
N HIS A 366 19.18 -2.43 0.69
CA HIS A 366 17.95 -3.19 0.53
C HIS A 366 17.87 -3.94 -0.79
N ARG A 367 18.52 -3.40 -1.82
CA ARG A 367 18.46 -4.00 -3.15
C ARG A 367 19.78 -4.65 -3.43
N ASP A 368 20.46 -5.04 -2.35
CA ASP A 368 21.58 -5.98 -2.42
C ASP A 368 22.78 -5.38 -3.12
N GLY A 369 22.99 -4.09 -2.95
CA GLY A 369 24.13 -3.43 -3.55
C GLY A 369 23.86 -2.78 -4.90
N TRP A 370 22.62 -2.82 -5.36
CA TRP A 370 22.27 -2.16 -6.62
C TRP A 370 21.27 -1.03 -6.37
N GLN A 371 21.27 -0.02 -7.23
CA GLN A 371 20.22 0.98 -7.12
C GLN A 371 18.90 0.44 -7.66
N HIS A 372 18.95 -0.26 -8.79
CA HIS A 372 17.76 -0.78 -9.46
C HIS A 372 16.59 0.23 -9.45
N MET A 373 16.89 1.50 -9.77
CA MET A 373 15.86 2.55 -9.76
C MET A 373 14.99 2.57 -11.03
N PRO A 374 13.68 2.44 -10.86
CA PRO A 374 12.83 2.54 -12.03
C PRO A 374 12.64 4.02 -12.37
N LEU A 375 12.97 4.40 -13.60
CA LEU A 375 12.67 5.74 -14.08
C LEU A 375 11.67 5.65 -15.21
N PRO A 376 10.67 6.54 -15.19
CA PRO A 376 9.68 6.53 -16.26
C PRO A 376 10.32 6.85 -17.62
N ARG A 377 9.99 6.02 -18.59
CA ARG A 377 10.44 6.25 -19.94
C ARG A 377 9.21 6.56 -20.76
N GLY A 378 8.90 7.85 -20.86
CA GLY A 378 7.62 8.28 -21.39
C GLY A 378 6.59 8.02 -20.31
N ILE A 379 5.31 8.13 -20.61
CA ILE A 379 4.33 7.80 -19.59
C ILE A 379 3.72 6.44 -19.86
N GLY A 380 3.92 5.51 -18.93
CA GLY A 380 3.33 4.21 -19.05
C GLY A 380 4.38 3.17 -19.34
N ASP A 381 5.63 3.52 -19.08
CA ASP A 381 6.72 2.57 -19.20
C ASP A 381 7.88 3.05 -18.32
N ALA A 382 8.90 2.21 -18.14
CA ALA A 382 10.01 2.52 -17.22
C ALA A 382 11.27 1.73 -17.56
N VAL A 383 12.42 2.28 -17.15
CA VAL A 383 13.70 1.60 -17.25
C VAL A 383 14.36 1.55 -15.86
N PHE A 384 15.20 0.54 -15.62
CA PHE A 384 15.91 0.41 -14.35
C PHE A 384 17.33 0.96 -14.46
N VAL A 385 17.70 1.91 -13.61
CA VAL A 385 19.05 2.47 -13.70
C VAL A 385 19.88 2.15 -12.47
N ASN A 386 21.19 2.20 -12.63
CA ASN A 386 22.13 1.95 -11.54
C ASN A 386 23.25 2.96 -11.54
N ASP A 387 23.02 4.09 -12.21
CA ASP A 387 24.01 5.15 -12.29
C ASP A 387 23.45 6.52 -11.87
N VAL A 388 22.55 6.54 -10.89
CA VAL A 388 22.07 7.81 -10.37
C VAL A 388 23.11 8.43 -9.43
N THR A 389 23.57 9.63 -9.76
CA THR A 389 24.61 10.31 -8.99
C THR A 389 24.02 11.37 -8.05
N GLN A 390 24.76 11.68 -6.99
CA GLN A 390 24.34 12.68 -6.01
C GLN A 390 24.11 14.03 -6.68
N ARG A 391 24.90 14.32 -7.70
CA ARG A 391 24.80 15.54 -8.49
C ARG A 391 23.44 15.66 -9.17
N GLU A 392 23.01 14.60 -9.85
CA GLU A 392 21.71 14.53 -10.51
C GLU A 392 20.54 14.72 -9.56
N ILE A 393 20.70 14.22 -8.34
CA ILE A 393 19.65 14.33 -7.32
C ILE A 393 19.51 15.77 -6.84
N GLU A 394 20.63 16.41 -6.56
CA GLU A 394 20.63 17.82 -6.19
C GLU A 394 20.00 18.69 -7.28
N ALA A 395 20.39 18.49 -8.55
CA ALA A 395 19.77 19.24 -9.65
C ALA A 395 18.26 19.01 -9.68
N ALA A 396 17.83 17.77 -9.51
CA ALA A 396 16.41 17.47 -9.55
C ALA A 396 15.65 18.08 -8.36
N LEU A 397 16.29 18.18 -7.20
CA LEU A 397 15.69 18.82 -6.03
C LEU A 397 15.48 20.32 -6.26
N LEU A 398 16.41 20.95 -6.97
CA LEU A 398 16.29 22.37 -7.25
C LEU A 398 15.17 22.58 -8.22
N THR A 399 15.07 21.70 -9.20
CA THR A 399 14.03 21.77 -10.20
C THR A 399 12.66 21.59 -9.57
N LEU A 400 12.57 20.73 -8.57
CA LEU A 400 11.33 20.60 -7.83
C LEU A 400 11.09 21.87 -7.03
N ALA A 401 12.15 22.43 -6.47
CA ALA A 401 12.02 23.64 -5.66
C ALA A 401 11.45 24.82 -6.46
N GLU A 402 11.84 24.96 -7.72
CA GLU A 402 11.32 26.06 -8.53
C GLU A 402 9.87 25.79 -8.92
N ARG A 403 9.57 24.56 -9.32
CA ARG A 403 8.18 24.15 -9.56
C ARG A 403 7.30 24.42 -8.34
N ASP A 404 7.72 23.91 -7.19
CA ASP A 404 6.98 23.95 -5.93
C ASP A 404 7.07 25.30 -5.22
ZN ZN B . 3.87 2.26 -1.13
PA NAI C . -3.95 3.79 7.93
O1A NAI C . -4.10 2.33 8.18
O2A NAI C . -3.15 4.52 8.97
O5B NAI C . -5.39 4.45 7.75
C5B NAI C . -5.51 5.86 7.43
C4B NAI C . -6.57 6.51 8.29
O4B NAI C . -7.89 6.25 7.75
C3B NAI C . -6.61 6.08 9.76
O3B NAI C . -6.78 7.22 10.59
C2B NAI C . -7.81 5.13 9.80
O2B NAI C . -8.41 5.13 11.10
C1B NAI C . -8.74 5.79 8.80
N9A NAI C . -9.74 4.93 8.18
C8A NAI C . -9.55 3.67 7.69
N7A NAI C . -10.55 3.22 6.98
C5A NAI C . -11.47 4.25 7.01
C6A NAI C . -12.72 4.44 6.38
N6A NAI C . -13.24 3.58 5.49
N1A NAI C . -13.37 5.60 6.60
C2A NAI C . -12.80 6.51 7.40
N3A NAI C . -11.63 6.46 8.02
C4A NAI C . -11.00 5.30 7.78
O3 NAI C . -3.12 4.01 6.58
PN NAI C . -3.17 3.54 5.04
O1N NAI C . -2.83 4.69 4.18
O2N NAI C . -4.40 2.78 4.77
O5D NAI C . -1.98 2.50 5.01
C5D NAI C . -0.65 3.00 5.25
C4D NAI C . 0.31 1.86 5.44
O4D NAI C . 0.22 0.91 4.35
C3D NAI C . 1.76 2.29 5.47
O3D NAI C . 2.32 1.89 6.71
C2D NAI C . 2.34 1.55 4.26
O2D NAI C . 3.64 1.04 4.55
C1D NAI C . 1.46 0.32 4.20
N1N NAI C . 1.60 -0.29 2.83
C2N NAI C . 1.88 -1.67 2.82
C3N NAI C . 2.01 -2.33 1.60
C7N NAI C . 2.24 -3.83 1.57
O7N NAI C . 2.51 -4.39 0.50
N7N NAI C . 2.20 -4.48 2.71
C4N NAI C . 1.85 -1.61 0.43
C5N NAI C . 1.56 -0.25 0.47
C6N NAI C . 1.45 0.39 1.68
C1 PEG D . -0.67 -18.06 -11.70
O1 PEG D . 0.44 -18.86 -12.10
C2 PEG D . -0.85 -16.90 -12.62
O2 PEG D . -1.82 -16.02 -12.07
C3 PEG D . -1.83 -14.74 -12.70
C4 PEG D . -3.20 -14.20 -12.70
O4 PEG D . -4.12 -15.15 -13.21
#